data_9GQK
#
_entry.id   9GQK
#
_cell.length_a   49.056
_cell.length_b   49.056
_cell.length_c   196.83
_cell.angle_alpha   90
_cell.angle_beta   90
_cell.angle_gamma   120
#
_symmetry.space_group_name_H-M   'P 32 2 1'
#
loop_
_entity.id
_entity.type
_entity.pdbx_description
1 polymer 'Peptidyl-prolyl cis-trans isomerase FKBP5'
2 non-polymer (2~{S},9~{S},12~{R},13~{S},14~{E},18~{S})-2-cyclohexyl-22,23-dimethoxy-12,18-dimethyl-13-oxidanyl-11,17,20-trioxa-4-azatricyclo[19.3.1.0^{4,9}]pentacosa-1(25),14,21,23-tetraene-3,10-dione
3 water water
#
_entity_poly.entity_id   1
_entity_poly.type   'polypeptide(L)'
_entity_poly.pdbx_seq_one_letter_code
;GAPATVTEQGEDITSKKDRGVLKIVKRVGNGEETPMIGDKVYVHYKGKLSNGKKFDSSHDRNEPFVFSLGKGQVIKAWDI
GVATMKKGEIAHLLIKPEYAYGSAGSLPKIPSNATLFFEIELLDFKGE
;
_entity_poly.pdbx_strand_id   B,A
#
# COMPACT_ATOMS: atom_id res chain seq x y z
N GLY A 1 -10.69 -14.59 19.57
CA GLY A 1 -10.01 -13.39 20.08
C GLY A 1 -10.66 -12.17 19.44
N ALA A 2 -10.00 -11.02 19.59
CA ALA A 2 -10.68 -9.78 19.36
C ALA A 2 -11.07 -9.65 17.89
N PRO A 3 -10.25 -10.09 16.92
CA PRO A 3 -10.63 -9.97 15.51
C PRO A 3 -11.90 -10.74 15.12
N ALA A 4 -12.02 -11.96 15.62
CA ALA A 4 -13.19 -12.75 15.34
C ALA A 4 -14.43 -12.08 15.94
N THR A 5 -14.26 -11.46 17.13
CA THR A 5 -15.37 -10.81 17.79
C THR A 5 -15.85 -9.68 16.87
N VAL A 6 -14.90 -8.94 16.24
CA VAL A 6 -15.34 -7.82 15.43
C VAL A 6 -16.03 -8.37 14.18
N THR A 7 -15.48 -9.40 13.53
CA THR A 7 -16.13 -10.08 12.41
C THR A 7 -17.56 -10.44 12.82
N GLU A 8 -17.72 -10.96 14.05
CA GLU A 8 -19.04 -11.46 14.41
C GLU A 8 -19.99 -10.32 14.81
N GLN A 9 -19.47 -9.30 15.48
CA GLN A 9 -20.39 -8.40 16.16
C GLN A 9 -20.22 -6.96 15.75
N GLY A 10 -19.22 -6.70 14.90
CA GLY A 10 -18.86 -5.30 14.61
C GLY A 10 -19.91 -4.66 13.72
N GLU A 11 -20.04 -3.34 13.89
CA GLU A 11 -20.78 -2.51 12.94
C GLU A 11 -20.01 -2.23 11.63
N ASP A 12 -20.70 -2.19 10.52
CA ASP A 12 -20.09 -1.83 9.28
C ASP A 12 -20.19 -0.33 9.08
N ILE A 13 -19.04 0.37 9.18
CA ILE A 13 -19.10 1.82 9.12
C ILE A 13 -18.69 2.29 7.74
N THR A 14 -18.68 1.46 6.72
CA THR A 14 -18.39 1.92 5.36
C THR A 14 -19.65 2.46 4.70
N SER A 15 -19.44 3.41 3.79
CA SER A 15 -20.54 4.02 3.03
C SER A 15 -21.16 3.00 2.10
N LYS A 16 -20.28 2.18 1.52
CA LYS A 16 -20.73 1.23 0.54
C LYS A 16 -21.36 0.01 1.22
N LYS A 17 -21.21 -0.12 2.55
CA LYS A 17 -21.71 -1.31 3.27
C LYS A 17 -21.16 -2.62 2.65
N ASP A 18 -19.84 -2.65 2.50
CA ASP A 18 -19.11 -3.83 1.99
C ASP A 18 -18.29 -4.51 3.12
N ARG A 19 -18.62 -4.22 4.39
CA ARG A 19 -17.92 -4.82 5.53
C ARG A 19 -16.40 -4.61 5.53
N GLY A 20 -15.93 -3.53 4.88
CA GLY A 20 -14.53 -3.27 4.68
C GLY A 20 -13.92 -2.68 5.95
N VAL A 21 -14.79 -2.09 6.80
CA VAL A 21 -14.33 -1.51 8.02
C VAL A 21 -15.42 -1.84 9.04
N LEU A 22 -15.05 -2.65 10.01
CA LEU A 22 -15.94 -3.17 11.04
C LEU A 22 -15.47 -2.63 12.39
N LYS A 23 -16.42 -2.11 13.24
CA LYS A 23 -16.09 -1.48 14.52
C LYS A 23 -16.88 -2.01 15.70
N ILE A 24 -16.18 -2.15 16.82
CA ILE A 24 -16.82 -2.27 18.14
C ILE A 24 -16.23 -1.20 19.06
N VAL A 25 -17.15 -0.50 19.73
CA VAL A 25 -16.75 0.42 20.79
C VAL A 25 -16.47 -0.39 22.05
N LYS A 26 -15.25 -0.33 22.57
CA LYS A 26 -14.92 -1.19 23.72
C LYS A 26 -14.95 -0.41 25.02
N ARG A 27 -14.63 0.89 24.95
CA ARG A 27 -14.86 1.80 26.06
C ARG A 27 -15.47 3.10 25.54
N VAL A 28 -16.59 3.56 26.11
CA VAL A 28 -17.24 4.77 25.61
C VAL A 28 -16.47 6.02 26.07
N GLY A 29 -16.37 7.04 25.16
CA GLY A 29 -15.88 8.41 25.39
C GLY A 29 -16.97 9.43 25.85
N ASN A 30 -16.62 10.74 25.90
CA ASN A 30 -17.52 11.85 26.26
C ASN A 30 -17.69 12.78 25.04
N GLY A 31 -18.71 13.63 25.01
CA GLY A 31 -18.72 14.81 24.12
C GLY A 31 -19.48 14.55 22.83
N GLU A 32 -20.26 15.56 22.39
CA GLU A 32 -21.10 15.48 21.20
C GLU A 32 -20.23 15.48 19.91
N GLU A 33 -18.89 15.67 20.04
CA GLU A 33 -18.07 15.88 18.86
C GLU A 33 -17.18 14.65 18.55
N THR A 34 -17.18 14.32 17.29
CA THR A 34 -16.17 13.46 16.74
C THR A 34 -15.21 14.33 15.92
N PRO A 35 -14.00 13.85 15.56
CA PRO A 35 -13.13 14.67 14.75
C PRO A 35 -13.66 14.82 13.32
N MET A 36 -13.39 15.97 12.68
CA MET A 36 -13.71 16.02 11.26
C MET A 36 -12.50 16.38 10.46
N ILE A 37 -12.66 16.17 9.15
CA ILE A 37 -11.58 16.24 8.21
C ILE A 37 -10.77 17.52 8.46
N GLY A 38 -9.44 17.37 8.56
CA GLY A 38 -8.55 18.48 8.81
C GLY A 38 -7.95 18.46 10.22
N ASP A 39 -8.71 17.92 11.17
CA ASP A 39 -8.31 17.99 12.56
C ASP A 39 -6.94 17.29 12.79
N LYS A 40 -6.12 17.84 13.66
CA LYS A 40 -5.02 17.06 14.20
C LYS A 40 -5.59 16.13 15.27
N VAL A 41 -5.25 14.84 15.18
CA VAL A 41 -5.72 13.77 16.07
C VAL A 41 -4.53 13.11 16.79
N TYR A 42 -4.78 12.81 18.07
CA TYR A 42 -3.83 12.19 19.00
C TYR A 42 -4.41 10.84 19.45
N VAL A 43 -3.68 9.72 19.15
CA VAL A 43 -4.17 8.41 19.56
C VAL A 43 -3.07 7.60 20.20
N HIS A 44 -3.48 6.54 20.93
CA HIS A 44 -2.64 5.42 21.26
C HIS A 44 -3.26 4.26 20.55
N TYR A 45 -2.40 3.38 20.00
CA TYR A 45 -2.93 2.30 19.19
C TYR A 45 -2.05 1.04 19.41
N LYS A 46 -2.73 -0.10 19.20
CA LYS A 46 -2.17 -1.43 19.10
C LYS A 46 -2.68 -1.98 17.78
N GLY A 47 -1.79 -2.32 16.81
CA GLY A 47 -2.29 -2.86 15.58
C GLY A 47 -1.55 -4.11 15.16
N LYS A 48 -2.20 -4.96 14.39
CA LYS A 48 -1.60 -6.24 14.06
C LYS A 48 -2.28 -6.77 12.83
N LEU A 49 -1.58 -7.62 12.09
CA LEU A 49 -2.18 -8.39 11.01
C LEU A 49 -3.19 -9.29 11.69
N SER A 50 -4.37 -9.50 11.11
CA SER A 50 -5.37 -10.22 11.88
C SER A 50 -4.93 -11.67 12.08
N ASN A 51 -4.01 -12.18 11.23
CA ASN A 51 -3.24 -13.43 11.34
C ASN A 51 -2.47 -13.60 12.67
N GLY A 52 -1.73 -12.63 13.18
CA GLY A 52 -1.39 -12.66 14.61
C GLY A 52 -0.25 -11.72 14.92
N PHE A 55 2.08 -7.12 17.64
CA PHE A 55 1.49 -5.80 17.32
C PHE A 55 2.62 -4.82 17.02
N ASP A 56 2.30 -3.84 16.19
CA ASP A 56 2.89 -2.50 16.23
C ASP A 56 2.07 -1.65 17.20
N SER A 57 2.77 -0.99 18.14
CA SER A 57 2.04 -0.13 19.07
C SER A 57 2.79 1.16 19.38
N SER A 58 2.00 2.21 19.54
CA SER A 58 2.42 3.55 19.88
C SER A 58 3.10 3.56 21.24
N HIS A 59 2.71 2.61 22.12
CA HIS A 59 3.37 2.51 23.40
C HIS A 59 4.83 2.06 23.27
N ASP A 60 5.13 1.15 22.32
CA ASP A 60 6.50 0.67 22.00
C ASP A 60 7.48 1.85 21.88
N ARG A 61 6.94 3.02 21.46
CA ARG A 61 7.71 4.22 21.21
C ARG A 61 7.42 5.30 22.27
N ASN A 62 6.73 4.92 23.36
CA ASN A 62 6.46 5.76 24.52
C ASN A 62 6.00 7.18 24.14
N GLU A 63 5.25 7.34 23.03
CA GLU A 63 4.61 8.62 22.73
C GLU A 63 3.33 8.41 21.88
N PRO A 64 2.36 9.32 21.94
CA PRO A 64 1.19 9.18 21.09
C PRO A 64 1.50 9.32 19.60
N PHE A 65 0.62 8.69 18.81
CA PHE A 65 0.65 8.76 17.37
C PHE A 65 -0.22 9.92 16.93
N VAL A 66 0.39 10.79 16.10
CA VAL A 66 -0.26 12.05 15.75
C VAL A 66 -0.44 12.17 14.24
N PHE A 67 -1.65 12.58 13.79
CA PHE A 67 -1.99 12.61 12.35
C PHE A 67 -3.19 13.53 12.04
N SER A 68 -3.26 14.06 10.80
CA SER A 68 -4.33 14.98 10.41
C SER A 68 -5.40 14.14 9.70
N LEU A 69 -6.64 14.22 10.18
CA LEU A 69 -7.69 13.35 9.67
C LEU A 69 -8.06 13.72 8.23
N GLY A 70 -8.22 12.70 7.37
CA GLY A 70 -8.65 12.81 6.00
C GLY A 70 -7.60 13.34 5.04
N LYS A 71 -6.33 13.47 5.47
CA LYS A 71 -5.28 14.08 4.68
C LYS A 71 -4.44 12.96 4.00
N GLY A 72 -4.95 11.72 4.04
CA GLY A 72 -4.23 10.61 3.43
C GLY A 72 -2.92 10.23 4.13
N GLN A 73 -2.72 10.63 5.39
CA GLN A 73 -1.51 10.30 6.12
C GLN A 73 -1.62 8.90 6.74
N VAL A 74 -2.84 8.38 6.80
CA VAL A 74 -3.12 7.08 7.37
C VAL A 74 -4.01 6.34 6.38
N ILE A 75 -4.16 5.03 6.58
CA ILE A 75 -5.00 4.24 5.70
C ILE A 75 -6.44 4.71 5.78
N LYS A 76 -7.20 4.41 4.72
CA LYS A 76 -8.57 4.81 4.57
C LYS A 76 -9.39 4.42 5.80
N ALA A 77 -9.25 3.18 6.25
CA ALA A 77 -9.97 2.71 7.41
C ALA A 77 -9.78 3.58 8.66
N TRP A 78 -8.64 4.26 8.80
CA TRP A 78 -8.44 5.12 9.95
C TRP A 78 -9.24 6.42 9.76
N ASP A 79 -9.18 7.01 8.55
CA ASP A 79 -9.84 8.25 8.28
C ASP A 79 -11.34 8.00 8.52
N ILE A 80 -11.84 6.85 8.07
CA ILE A 80 -13.26 6.49 8.27
C ILE A 80 -13.58 6.19 9.75
N GLY A 81 -12.71 5.43 10.42
CA GLY A 81 -13.04 4.89 11.75
C GLY A 81 -12.92 5.95 12.83
N VAL A 82 -11.78 6.66 12.86
CA VAL A 82 -11.52 7.65 13.86
C VAL A 82 -12.54 8.78 13.74
N ALA A 83 -13.01 9.12 12.54
CA ALA A 83 -14.04 10.14 12.32
C ALA A 83 -15.34 9.81 13.05
N THR A 84 -15.53 8.55 13.44
CA THR A 84 -16.69 8.11 14.22
C THR A 84 -16.46 8.10 15.74
N MET A 85 -15.25 8.42 16.22
CA MET A 85 -14.92 8.14 17.62
C MET A 85 -15.01 9.40 18.49
N LYS A 86 -15.35 9.26 19.77
CA LYS A 86 -15.45 10.40 20.67
C LYS A 86 -14.14 10.42 21.48
N LYS A 87 -13.80 11.58 22.03
CA LYS A 87 -12.63 11.69 22.91
C LYS A 87 -12.82 10.76 24.10
N GLY A 88 -11.76 9.93 24.37
CA GLY A 88 -11.67 8.97 25.46
C GLY A 88 -12.16 7.58 25.05
N GLU A 89 -12.67 7.44 23.81
CA GLU A 89 -13.22 6.16 23.35
C GLU A 89 -12.09 5.19 23.06
N ILE A 90 -12.35 3.90 23.33
CA ILE A 90 -11.48 2.85 22.82
C ILE A 90 -12.31 2.03 21.87
N ALA A 91 -11.77 1.85 20.65
CA ALA A 91 -12.51 1.11 19.67
C ALA A 91 -11.60 0.04 19.05
N HIS A 92 -12.24 -1.05 18.66
CA HIS A 92 -11.62 -2.07 17.84
C HIS A 92 -12.10 -1.98 16.39
N LEU A 93 -11.13 -2.01 15.45
CA LEU A 93 -11.42 -1.98 14.04
C LEU A 93 -10.86 -3.25 13.37
N LEU A 94 -11.66 -3.85 12.50
CA LEU A 94 -11.14 -4.87 11.57
C LEU A 94 -11.37 -4.43 10.15
N ILE A 95 -10.28 -4.53 9.33
CA ILE A 95 -10.19 -3.81 8.10
C ILE A 95 -9.79 -4.73 6.95
N LYS A 96 -10.66 -4.85 5.94
CA LYS A 96 -10.30 -5.58 4.72
C LYS A 96 -9.24 -4.79 3.94
N PRO A 97 -8.46 -5.47 3.05
CA PRO A 97 -7.34 -4.81 2.41
C PRO A 97 -7.71 -3.60 1.57
N GLU A 98 -8.96 -3.59 1.06
CA GLU A 98 -9.39 -2.48 0.23
C GLU A 98 -9.37 -1.17 1.01
N TYR A 99 -9.48 -1.22 2.35
CA TYR A 99 -9.43 -0.02 3.17
C TYR A 99 -8.06 0.09 3.89
N ALA A 100 -7.06 -0.70 3.47
CA ALA A 100 -5.75 -0.62 4.12
C ALA A 100 -4.71 -0.62 2.99
N TYR A 101 -4.00 -1.73 2.77
CA TYR A 101 -2.87 -1.70 1.81
C TYR A 101 -3.10 -2.50 0.52
N GLY A 102 -4.32 -3.00 0.33
CA GLY A 102 -4.72 -3.46 -1.01
C GLY A 102 -4.00 -4.71 -1.47
N SER A 103 -4.09 -4.92 -2.76
CA SER A 103 -3.48 -6.09 -3.38
C SER A 103 -1.98 -5.91 -3.43
N ALA A 104 -1.53 -4.67 -3.51
CA ALA A 104 -0.10 -4.38 -3.56
C ALA A 104 0.61 -4.71 -2.27
N GLY A 105 -0.07 -4.51 -1.18
CA GLY A 105 0.56 -4.63 0.14
C GLY A 105 1.51 -3.47 0.43
N SER A 106 2.39 -3.68 1.42
CA SER A 106 3.38 -2.70 1.79
C SER A 106 4.45 -3.45 2.58
N LEU A 107 5.22 -4.22 1.82
CA LEU A 107 6.27 -5.00 2.50
C LEU A 107 7.35 -4.08 3.02
N PRO A 108 8.09 -4.55 4.04
CA PRO A 108 7.95 -5.90 4.57
C PRO A 108 6.89 -6.11 5.61
N LYS A 109 6.34 -5.05 6.15
CA LYS A 109 5.36 -5.20 7.23
C LYS A 109 4.03 -5.73 6.79
N ILE A 110 3.54 -5.35 5.59
CA ILE A 110 2.20 -5.73 5.23
C ILE A 110 2.25 -6.57 3.96
N PRO A 111 1.74 -7.80 3.97
CA PRO A 111 1.61 -8.57 2.73
C PRO A 111 0.43 -8.14 1.88
N SER A 112 0.47 -8.56 0.62
CA SER A 112 -0.70 -8.40 -0.25
C SER A 112 -1.98 -8.91 0.41
N ASN A 113 -3.04 -8.15 0.26
CA ASN A 113 -4.39 -8.64 0.53
C ASN A 113 -4.56 -8.90 2.05
N ALA A 114 -3.92 -8.08 2.85
CA ALA A 114 -3.90 -8.25 4.30
C ALA A 114 -5.16 -7.62 4.95
N THR A 115 -5.74 -8.40 5.86
CA THR A 115 -6.75 -7.90 6.82
C THR A 115 -6.02 -7.48 8.12
N LEU A 116 -6.41 -6.32 8.64
CA LEU A 116 -5.71 -5.70 9.77
C LEU A 116 -6.73 -5.50 10.90
N PHE A 117 -6.22 -5.53 12.14
CA PHE A 117 -6.95 -5.25 13.35
C PHE A 117 -6.24 -4.17 14.17
N PHE A 118 -7.03 -3.20 14.65
CA PHE A 118 -6.47 -2.22 15.59
C PHE A 118 -7.36 -2.13 16.82
N GLU A 119 -6.69 -1.80 17.95
CA GLU A 119 -7.31 -1.09 19.05
C GLU A 119 -6.77 0.33 19.05
N ILE A 120 -7.71 1.25 19.08
CA ILE A 120 -7.39 2.67 19.06
C ILE A 120 -8.01 3.35 20.26
N GLU A 121 -7.20 4.20 20.88
CA GLU A 121 -7.73 5.08 21.88
C GLU A 121 -7.53 6.50 21.38
N LEU A 122 -8.66 7.20 21.31
CA LEU A 122 -8.68 8.59 20.87
C LEU A 122 -8.38 9.49 22.07
N LEU A 123 -7.18 10.11 22.06
CA LEU A 123 -6.71 10.80 23.25
C LEU A 123 -7.27 12.24 23.24
N ASP A 124 -7.20 12.84 22.05
CA ASP A 124 -7.55 14.24 21.81
C ASP A 124 -7.54 14.54 20.29
N PHE A 125 -8.22 15.64 19.93
CA PHE A 125 -8.18 16.27 18.61
C PHE A 125 -8.43 17.78 18.70
N LYS A 126 -7.79 18.50 17.76
CA LYS A 126 -7.77 19.96 17.70
C LYS A 126 -8.07 20.35 16.25
N GLY A 127 -8.80 21.45 16.06
CA GLY A 127 -9.22 21.92 14.75
C GLY A 127 -8.08 22.52 13.95
N GLU A 128 -8.16 22.46 12.61
CA GLU A 128 -7.10 22.89 11.70
C GLU A 128 -6.59 24.26 12.18
N GLY B 1 15.76 -15.97 -22.83
CA GLY B 1 14.61 -15.06 -22.91
C GLY B 1 14.96 -13.74 -22.26
N ALA B 2 13.98 -12.84 -22.26
CA ALA B 2 14.23 -11.49 -21.81
C ALA B 2 14.67 -11.48 -20.34
N PRO B 3 14.12 -12.34 -19.46
CA PRO B 3 14.52 -12.38 -18.05
C PRO B 3 15.99 -12.72 -17.82
N ALA B 4 16.48 -13.69 -18.56
CA ALA B 4 17.86 -14.10 -18.41
C ALA B 4 18.78 -12.97 -18.84
N THR B 5 18.35 -12.21 -19.86
CA THR B 5 19.16 -11.13 -20.37
C THR B 5 19.23 -10.09 -19.25
N VAL B 6 18.16 -9.95 -18.47
CA VAL B 6 18.17 -8.98 -17.39
C VAL B 6 19.10 -9.44 -16.28
N THR B 7 19.00 -10.68 -15.82
CA THR B 7 19.96 -11.26 -14.90
C THR B 7 21.36 -10.99 -15.43
N GLU B 8 21.59 -11.19 -16.76
CA GLU B 8 22.90 -11.04 -17.39
C GLU B 8 23.39 -9.58 -17.54
N GLN B 9 22.54 -8.63 -17.91
CA GLN B 9 23.06 -7.31 -18.30
C GLN B 9 22.47 -6.22 -17.38
N GLY B 10 21.53 -6.58 -16.50
CA GLY B 10 20.67 -5.59 -15.86
C GLY B 10 21.43 -4.81 -14.79
N GLU B 11 21.19 -3.49 -14.76
CA GLU B 11 21.72 -2.58 -13.74
C GLU B 11 20.92 -2.81 -12.44
N ASP B 12 21.62 -2.85 -11.33
CA ASP B 12 20.95 -3.02 -10.06
C ASP B 12 20.54 -1.66 -9.52
N ILE B 13 19.21 -1.44 -9.40
CA ILE B 13 18.79 -0.09 -9.08
C ILE B 13 18.30 -0.01 -7.65
N THR B 14 18.61 -1.01 -6.82
CA THR B 14 18.27 -0.90 -5.40
C THR B 14 19.30 -0.05 -4.66
N SER B 15 18.80 0.58 -3.57
CA SER B 15 19.72 1.36 -2.73
C SER B 15 20.64 0.44 -1.93
N LYS B 16 20.13 -0.71 -1.54
CA LYS B 16 20.91 -1.69 -0.81
C LYS B 16 21.91 -2.39 -1.72
N LYS B 17 21.77 -2.25 -3.04
CA LYS B 17 22.62 -3.00 -3.98
C LYS B 17 22.61 -4.53 -3.68
N ASP B 18 21.37 -5.06 -3.60
CA ASP B 18 21.06 -6.44 -3.28
C ASP B 18 20.46 -7.16 -4.47
N ARG B 19 20.65 -6.61 -5.68
CA ARG B 19 20.19 -7.21 -6.93
C ARG B 19 18.68 -7.44 -6.92
N GLY B 20 17.88 -6.80 -6.02
CA GLY B 20 16.49 -7.20 -5.83
C GLY B 20 15.65 -6.64 -6.95
N VAL B 21 16.19 -5.65 -7.66
CA VAL B 21 15.49 -5.03 -8.75
C VAL B 21 16.56 -4.76 -9.82
N LEU B 22 16.46 -5.47 -10.95
CA LEU B 22 17.39 -5.36 -12.04
C LEU B 22 16.72 -4.77 -13.27
N LYS B 23 17.36 -3.78 -13.91
CA LYS B 23 16.76 -3.05 -15.02
C LYS B 23 17.64 -3.09 -16.27
N ILE B 24 17.02 -3.34 -17.41
CA ILE B 24 17.65 -3.06 -18.70
C ILE B 24 16.73 -2.09 -19.45
N VAL B 25 17.31 -1.02 -19.98
CA VAL B 25 16.59 -0.11 -20.85
C VAL B 25 16.48 -0.86 -22.17
N LYS B 26 15.29 -0.90 -22.76
CA LYS B 26 15.22 -1.54 -24.06
C LYS B 26 15.17 -0.49 -25.14
N ARG B 27 14.38 0.56 -24.90
CA ARG B 27 14.30 1.73 -25.77
C ARG B 27 14.44 3.00 -24.94
N VAL B 28 15.34 3.89 -25.36
CA VAL B 28 15.60 5.10 -24.59
C VAL B 28 14.41 6.06 -24.70
N GLY B 29 14.21 6.88 -23.66
CA GLY B 29 13.07 7.80 -23.57
C GLY B 29 13.45 9.25 -23.90
N ASN B 30 12.46 10.16 -23.84
CA ASN B 30 12.60 11.58 -24.18
C ASN B 30 12.92 12.45 -22.97
N GLY B 31 14.13 13.02 -22.94
CA GLY B 31 14.41 14.22 -22.16
C GLY B 31 14.78 13.94 -20.70
N GLU B 32 14.94 15.01 -19.91
CA GLU B 32 15.66 14.98 -18.63
C GLU B 32 14.81 14.35 -17.50
N GLU B 33 13.56 14.80 -17.34
CA GLU B 33 12.74 14.48 -16.17
C GLU B 33 12.48 12.98 -16.04
N THR B 34 12.88 12.40 -14.90
CA THR B 34 12.27 11.15 -14.44
C THR B 34 11.25 11.50 -13.40
N PRO B 35 10.20 10.71 -13.15
CA PRO B 35 9.14 11.19 -12.27
C PRO B 35 9.53 11.22 -10.80
N MET B 36 8.68 11.90 -10.04
CA MET B 36 8.92 12.22 -8.64
C MET B 36 7.81 11.59 -7.83
N ILE B 37 8.12 11.28 -6.57
CA ILE B 37 7.11 10.71 -5.70
C ILE B 37 5.88 11.60 -5.68
N GLY B 38 4.69 10.99 -5.88
CA GLY B 38 3.43 11.69 -5.98
C GLY B 38 2.96 11.88 -7.41
N ASP B 39 3.85 11.73 -8.41
CA ASP B 39 3.42 12.03 -9.79
C ASP B 39 2.46 10.92 -10.23
N LYS B 40 1.37 11.31 -10.94
CA LYS B 40 0.48 10.38 -11.60
C LYS B 40 1.20 9.85 -12.83
N VAL B 41 1.31 8.52 -12.96
CA VAL B 41 2.16 7.87 -13.95
C VAL B 41 1.32 6.94 -14.84
N TYR B 42 1.67 6.93 -16.14
CA TYR B 42 0.95 6.23 -17.20
C TYR B 42 1.89 5.24 -17.85
N VAL B 43 1.56 3.93 -17.86
CA VAL B 43 2.47 2.96 -18.44
C VAL B 43 1.69 1.96 -19.29
N HIS B 44 2.40 1.25 -20.17
CA HIS B 44 1.99 -0.05 -20.67
C HIS B 44 2.97 -1.06 -20.12
N TYR B 45 2.45 -2.24 -19.77
CA TYR B 45 3.26 -3.32 -19.25
C TYR B 45 2.77 -4.71 -19.66
N LYS B 46 3.75 -5.63 -19.62
CA LYS B 46 3.51 -7.05 -19.69
C LYS B 46 4.24 -7.64 -18.47
N GLY B 47 3.55 -8.43 -17.67
CA GLY B 47 4.21 -9.06 -16.55
C GLY B 47 3.93 -10.55 -16.47
N LYS B 48 4.85 -11.24 -15.80
CA LYS B 48 4.80 -12.67 -15.69
C LYS B 48 5.64 -13.17 -14.54
N LEU B 49 5.27 -14.35 -14.03
CA LEU B 49 6.04 -15.05 -13.03
C LEU B 49 7.26 -15.53 -13.78
N SER B 50 8.44 -15.45 -13.17
CA SER B 50 9.59 -15.97 -13.91
C SER B 50 9.38 -17.47 -14.08
N LYS B 53 4.30 -19.01 -15.73
CA LYS B 53 3.03 -19.74 -15.48
C LYS B 53 1.80 -18.80 -15.26
N LYS B 54 1.98 -17.48 -15.09
CA LYS B 54 0.90 -16.51 -15.02
C LYS B 54 1.41 -15.25 -15.74
N PHE B 55 0.58 -14.66 -16.63
CA PHE B 55 0.90 -13.53 -17.48
C PHE B 55 -0.20 -12.47 -17.31
N ASP B 56 0.13 -11.22 -17.59
CA ASP B 56 -0.74 -10.09 -17.40
C ASP B 56 -0.22 -8.91 -18.22
N SER B 57 -1.11 -8.24 -18.96
CA SER B 57 -0.70 -7.07 -19.71
C SER B 57 -1.79 -6.00 -19.75
N SER B 58 -1.34 -4.75 -19.68
CA SER B 58 -2.16 -3.58 -19.91
C SER B 58 -2.71 -3.61 -21.33
N HIS B 59 -1.98 -4.24 -22.23
CA HIS B 59 -2.39 -4.37 -23.62
C HIS B 59 -3.59 -5.31 -23.68
N ASP B 60 -3.68 -6.29 -22.76
CA ASP B 60 -4.85 -7.19 -22.69
C ASP B 60 -6.15 -6.42 -22.51
N ARG B 61 -6.07 -5.21 -21.96
CA ARG B 61 -7.19 -4.32 -21.75
C ARG B 61 -7.11 -3.13 -22.70
N ASN B 62 -6.03 -3.10 -23.53
CA ASN B 62 -5.73 -2.07 -24.55
C ASN B 62 -5.89 -0.65 -23.99
N GLU B 63 -5.62 -0.46 -22.68
CA GLU B 63 -5.59 0.86 -22.03
C GLU B 63 -4.33 0.99 -21.19
N PRO B 64 -3.84 2.22 -20.93
CA PRO B 64 -2.72 2.36 -19.99
C PRO B 64 -3.12 2.02 -18.56
N PHE B 65 -2.09 1.65 -17.79
CA PHE B 65 -2.17 1.40 -16.38
C PHE B 65 -1.68 2.64 -15.65
N VAL B 66 -2.52 3.12 -14.73
CA VAL B 66 -2.30 4.45 -14.12
C VAL B 66 -2.15 4.27 -12.62
N PHE B 67 -1.12 4.93 -12.04
CA PHE B 67 -0.88 4.84 -10.60
C PHE B 67 -0.02 6.00 -10.11
N SER B 68 -0.09 6.27 -8.78
CA SER B 68 0.62 7.39 -8.22
C SER B 68 1.93 6.87 -7.67
N LEU B 69 3.05 7.44 -8.14
CA LEU B 69 4.34 6.89 -7.82
C LEU B 69 4.67 7.11 -6.35
N GLY B 70 5.23 6.07 -5.71
CA GLY B 70 5.84 6.21 -4.42
C GLY B 70 4.83 6.05 -3.29
N LYS B 71 3.56 5.70 -3.65
CA LYS B 71 2.50 5.50 -2.69
C LYS B 71 2.28 4.00 -2.37
N GLY B 72 3.13 3.10 -2.80
CA GLY B 72 2.90 1.65 -2.68
C GLY B 72 1.50 1.16 -3.16
N GLN B 73 0.98 1.85 -4.17
CA GLN B 73 -0.12 1.35 -4.96
C GLN B 73 0.35 0.19 -5.85
N VAL B 74 1.64 -0.03 -5.89
CA VAL B 74 2.27 -1.08 -6.68
C VAL B 74 3.30 -1.74 -5.79
N ILE B 75 3.88 -2.83 -6.27
CA ILE B 75 4.96 -3.46 -5.50
C ILE B 75 6.13 -2.48 -5.43
N LYS B 76 7.02 -2.71 -4.44
CA LYS B 76 8.15 -1.81 -4.18
C LYS B 76 9.02 -1.67 -5.41
N ALA B 77 9.28 -2.77 -6.14
CA ALA B 77 10.01 -2.77 -7.39
C ALA B 77 9.51 -1.77 -8.43
N TRP B 78 8.19 -1.58 -8.50
CA TRP B 78 7.67 -0.60 -9.44
C TRP B 78 7.93 0.80 -8.99
N ASP B 79 7.74 1.05 -7.72
CA ASP B 79 7.94 2.39 -7.20
C ASP B 79 9.41 2.78 -7.41
N ILE B 80 10.31 1.82 -7.22
CA ILE B 80 11.75 2.04 -7.43
C ILE B 80 12.06 2.19 -8.94
N GLY B 81 11.52 1.27 -9.77
CA GLY B 81 11.96 1.06 -11.15
C GLY B 81 11.44 2.15 -12.06
N VAL B 82 10.13 2.43 -11.93
CA VAL B 82 9.48 3.43 -12.76
C VAL B 82 10.07 4.80 -12.45
N ALA B 83 10.41 5.08 -11.18
CA ALA B 83 11.01 6.36 -10.81
C ALA B 83 12.29 6.68 -11.57
N THR B 84 12.96 5.66 -12.12
CA THR B 84 14.18 5.85 -12.91
C THR B 84 13.92 6.10 -14.40
N MET B 85 12.68 6.13 -14.85
CA MET B 85 12.45 6.04 -16.28
C MET B 85 12.10 7.43 -16.88
N LYS B 86 12.47 7.65 -18.14
CA LYS B 86 12.05 8.85 -18.85
C LYS B 86 10.78 8.60 -19.63
N LYS B 87 10.05 9.69 -20.00
CA LYS B 87 8.95 9.65 -20.94
C LYS B 87 9.45 9.01 -22.24
N GLY B 88 8.78 7.93 -22.67
CA GLY B 88 9.07 7.23 -23.93
C GLY B 88 10.00 6.02 -23.75
N GLU B 89 10.57 5.84 -22.56
CA GLU B 89 11.45 4.71 -22.28
C GLU B 89 10.65 3.40 -22.17
N ILE B 90 11.26 2.28 -22.60
CA ILE B 90 10.79 0.93 -22.31
C ILE B 90 11.95 0.25 -21.62
N ALA B 91 11.65 -0.39 -20.51
CA ALA B 91 12.61 -1.13 -19.73
C ALA B 91 12.05 -2.51 -19.36
N HIS B 92 12.97 -3.42 -19.08
CA HIS B 92 12.67 -4.71 -18.47
C HIS B 92 13.16 -4.69 -17.01
N LEU B 93 12.31 -5.18 -16.10
CA LEU B 93 12.67 -5.38 -14.71
C LEU B 93 12.59 -6.86 -14.39
N LEU B 94 13.58 -7.33 -13.69
CA LEU B 94 13.48 -8.59 -12.98
C LEU B 94 13.61 -8.35 -11.48
N ILE B 95 12.72 -9.00 -10.74
CA ILE B 95 12.41 -8.62 -9.36
C ILE B 95 12.36 -9.82 -8.42
N LYS B 96 13.29 -9.82 -7.50
CA LYS B 96 13.27 -10.80 -6.43
C LYS B 96 12.09 -10.61 -5.46
N PRO B 97 11.63 -11.68 -4.75
CA PRO B 97 10.44 -11.68 -3.98
C PRO B 97 10.32 -10.57 -2.91
N GLU B 98 11.46 -10.21 -2.34
CA GLU B 98 11.48 -9.18 -1.32
C GLU B 98 10.95 -7.86 -1.88
N TYR B 99 11.08 -7.60 -3.20
CA TYR B 99 10.63 -6.37 -3.83
C TYR B 99 9.29 -6.52 -4.59
N ALA B 100 8.62 -7.62 -4.37
CA ALA B 100 7.36 -7.94 -5.06
C ALA B 100 6.41 -8.44 -3.99
N TYR B 101 6.15 -9.74 -3.88
CA TYR B 101 5.17 -10.25 -2.95
C TYR B 101 5.74 -11.11 -1.82
N GLY B 102 7.08 -11.31 -1.72
CA GLY B 102 7.66 -11.82 -0.47
C GLY B 102 7.52 -13.32 -0.20
N SER B 103 7.76 -13.67 1.07
CA SER B 103 7.47 -15.03 1.55
C SER B 103 5.96 -15.28 1.50
N ALA B 104 5.15 -14.27 1.76
CA ALA B 104 3.72 -14.47 1.86
C ALA B 104 3.09 -14.80 0.50
N GLY B 105 3.63 -14.17 -0.51
CA GLY B 105 2.99 -14.20 -1.81
C GLY B 105 1.67 -13.47 -1.89
N SER B 106 0.85 -13.85 -2.87
CA SER B 106 -0.47 -13.28 -3.06
C SER B 106 -1.32 -14.40 -3.67
N LEU B 107 -1.59 -15.36 -2.85
CA LEU B 107 -2.26 -16.56 -3.31
C LEU B 107 -3.74 -16.33 -3.54
N PRO B 108 -4.37 -17.09 -4.47
CA PRO B 108 -3.73 -18.14 -5.24
C PRO B 108 -2.93 -17.68 -6.45
N LYS B 109 -2.98 -16.40 -6.80
CA LYS B 109 -2.40 -15.89 -8.03
C LYS B 109 -0.88 -15.83 -8.01
N ILE B 110 -0.24 -15.46 -6.89
CA ILE B 110 1.23 -15.36 -6.88
C ILE B 110 1.71 -16.22 -5.75
N PRO B 111 2.59 -17.22 -5.99
CA PRO B 111 3.11 -18.03 -4.93
C PRO B 111 4.15 -17.33 -4.05
N SER B 112 4.43 -18.02 -2.99
CA SER B 112 5.50 -17.73 -2.06
C SER B 112 6.79 -17.59 -2.83
N ASN B 113 7.57 -16.55 -2.55
CA ASN B 113 8.95 -16.48 -2.93
C ASN B 113 9.07 -16.40 -4.45
N ALA B 114 8.14 -15.62 -5.06
CA ALA B 114 8.11 -15.51 -6.50
C ALA B 114 9.02 -14.41 -7.03
N THR B 115 9.77 -14.75 -8.12
CA THR B 115 10.45 -13.79 -8.94
C THR B 115 9.49 -13.40 -10.07
N LEU B 116 9.45 -12.10 -10.37
CA LEU B 116 8.58 -11.52 -11.33
C LEU B 116 9.46 -10.86 -12.38
N PHE B 117 8.90 -10.80 -13.58
CA PHE B 117 9.49 -10.07 -14.69
C PHE B 117 8.43 -9.14 -15.30
N PHE B 118 8.86 -7.93 -15.63
CA PHE B 118 8.02 -7.02 -16.39
C PHE B 118 8.76 -6.32 -17.52
N GLU B 119 7.96 -6.01 -18.55
CA GLU B 119 8.29 -5.05 -19.59
C GLU B 119 7.38 -3.85 -19.38
N ILE B 120 7.99 -2.69 -19.23
CA ILE B 120 7.25 -1.47 -18.91
C ILE B 120 7.63 -0.41 -19.94
N GLU B 121 6.61 0.26 -20.44
CA GLU B 121 6.79 1.44 -21.25
C GLU B 121 6.21 2.62 -20.48
N LEU B 122 7.04 3.63 -20.24
CA LEU B 122 6.60 4.80 -19.52
C LEU B 122 6.01 5.77 -20.53
N LEU B 123 4.69 5.92 -20.48
CA LEU B 123 3.98 6.67 -21.51
C LEU B 123 4.01 8.16 -21.18
N ASP B 124 3.78 8.48 -19.90
CA ASP B 124 3.77 9.86 -19.43
C ASP B 124 3.64 9.91 -17.89
N PHE B 125 4.02 11.08 -17.32
CA PHE B 125 3.72 11.39 -15.93
C PHE B 125 3.42 12.88 -15.75
N LYS B 126 2.42 13.18 -14.91
CA LYS B 126 1.95 14.53 -14.60
C LYS B 126 1.97 14.74 -13.09
N GLY B 127 2.00 16.00 -12.62
CA GLY B 127 2.17 16.32 -11.22
C GLY B 127 0.87 16.14 -10.43
N GLU B 128 1.00 15.79 -9.13
CA GLU B 128 -0.12 15.81 -8.18
C GLU B 128 -0.69 17.25 -8.19
#